data_3UJ7
#
_entry.id   3UJ7
#
_cell.length_a   77.035
_cell.length_b   44.130
_cell.length_c   88.411
_cell.angle_alpha   90.00
_cell.angle_beta   108.48
_cell.angle_gamma   90.00
#
_symmetry.space_group_name_H-M   'P 1 2 1'
#
loop_
_entity.id
_entity.type
_entity.pdbx_description
1 polymer 'Phosphoethanolamine N-methyltransferase'
2 non-polymer S-ADENOSYLMETHIONINE
3 non-polymer 'PHOSPHATE ION'
4 water water
#
_entity_poly.entity_id   1
_entity_poly.type   'polypeptide(L)'
_entity_poly.pdbx_seq_one_letter_code
;MTLIENLNSDKTFLENNQYTDEGVKVYEFIFGENYISSGGLEATKKILSDIELNENSKVLDIGSGLGGGCMYINEKYGAH
THGIDICSNIVNMANERVSGNNKIIFEANDILTKEFPENNFDLIYSRDAILHLSLENKNKLFQKCYKWLKPTGTLLITDY
CATEKENWDDEFKEYVKQRKYTLITVEEYADILTACNFKNVVSKDLSDYWNQLLEVEHKYLHENKEEFLKLFSEKKFISL
DDGWSRKIKDSKRKMQRWGYFKATKN
;
_entity_poly.pdbx_strand_id   A,B
#
loop_
_chem_comp.id
_chem_comp.type
_chem_comp.name
_chem_comp.formula
PO4 non-polymer 'PHOSPHATE ION' 'O4 P -3'
SAM non-polymer S-ADENOSYLMETHIONINE 'C15 H22 N6 O5 S'
#
# COMPACT_ATOMS: atom_id res chain seq x y z
N ASN A 8 14.87 23.64 10.53
CA ASN A 8 14.47 23.50 9.13
C ASN A 8 15.42 22.62 8.31
N SER A 9 15.96 21.59 8.96
CA SER A 9 16.88 20.67 8.29
C SER A 9 16.86 19.28 8.93
N ASP A 10 17.11 18.27 8.10
CA ASP A 10 17.14 16.89 8.56
C ASP A 10 18.57 16.39 8.71
N LYS A 11 19.54 17.29 8.56
CA LYS A 11 20.95 16.92 8.63
C LYS A 11 21.30 16.19 9.94
N THR A 12 20.92 16.78 11.06
CA THR A 12 21.19 16.16 12.35
C THR A 12 20.47 14.83 12.48
N PHE A 13 19.22 14.77 12.04
CA PHE A 13 18.46 13.53 12.09
C PHE A 13 19.16 12.41 11.31
N LEU A 14 19.68 12.73 10.14
CA LEU A 14 20.31 11.72 9.31
C LEU A 14 21.69 11.29 9.87
N GLU A 15 22.47 12.26 10.32
CA GLU A 15 23.81 11.98 10.82
C GLU A 15 23.79 11.19 12.12
N ASN A 16 22.73 11.38 12.90
CA ASN A 16 22.68 10.81 14.24
C ASN A 16 21.93 9.49 14.31
N ASN A 17 21.34 9.07 13.20
CA ASN A 17 20.55 7.87 13.16
C ASN A 17 20.90 6.97 11.98
N GLN A 18 20.22 7.08 10.86
CA GLN A 18 20.45 6.17 9.74
C GLN A 18 21.89 6.21 9.23
N TYR A 19 22.49 7.40 9.19
CA TYR A 19 23.80 7.53 8.58
C TYR A 19 24.90 7.91 9.58
N THR A 20 24.86 7.27 10.75
CA THR A 20 26.04 7.32 11.62
C THR A 20 27.19 6.64 10.89
N ASP A 21 28.41 6.86 11.35
CA ASP A 21 29.56 6.21 10.73
C ASP A 21 29.38 4.70 10.64
N GLU A 22 28.93 4.08 11.73
CA GLU A 22 28.77 2.64 11.74
C GLU A 22 27.63 2.20 10.84
N GLY A 23 26.55 2.98 10.84
CA GLY A 23 25.43 2.70 9.95
C GLY A 23 25.87 2.67 8.51
N VAL A 24 26.69 3.67 8.14
CA VAL A 24 27.24 3.76 6.79
C VAL A 24 28.13 2.57 6.47
N LYS A 25 28.95 2.14 7.43
CA LYS A 25 29.83 1.00 7.22
C LYS A 25 29.08 -0.32 7.05
N VAL A 26 27.98 -0.47 7.78
CA VAL A 26 27.13 -1.64 7.62
C VAL A 26 26.53 -1.67 6.20
N TYR A 27 26.00 -0.54 5.75
CA TYR A 27 25.47 -0.46 4.39
C TYR A 27 26.55 -0.80 3.36
N GLU A 28 27.75 -0.28 3.54
CA GLU A 28 28.82 -0.54 2.59
C GLU A 28 29.18 -2.02 2.54
N PHE A 29 29.10 -2.69 3.69
CA PHE A 29 29.37 -4.13 3.73
C PHE A 29 28.44 -4.88 2.78
N ILE A 30 27.16 -4.52 2.78
CA ILE A 30 26.18 -5.27 2.01
C ILE A 30 26.02 -4.77 0.58
N PHE A 31 26.17 -3.46 0.36
CA PHE A 31 26.01 -2.93 -1.00
C PHE A 31 27.29 -3.04 -1.82
N GLY A 32 28.44 -3.02 -1.14
CA GLY A 32 29.73 -3.09 -1.79
C GLY A 32 30.59 -1.85 -1.58
N GLU A 33 31.90 -2.01 -1.74
CA GLU A 33 32.85 -0.93 -1.52
C GLU A 33 32.46 0.38 -2.21
N ASN A 34 32.39 1.46 -1.43
CA ASN A 34 32.10 2.80 -1.94
C ASN A 34 30.63 3.06 -2.25
N TYR A 35 29.76 2.12 -1.92
CA TYR A 35 28.34 2.27 -2.19
C TYR A 35 27.49 2.13 -0.95
N ILE A 36 26.44 2.92 -0.86
CA ILE A 36 25.43 2.70 0.16
C ILE A 36 24.03 2.69 -0.44
N SER A 37 23.90 2.18 -1.66
CA SER A 37 22.59 1.96 -2.24
C SER A 37 22.53 0.77 -3.17
N SER A 38 21.31 0.44 -3.52
CA SER A 38 20.97 -0.74 -4.23
C SER A 38 21.87 -1.16 -5.34
N GLY A 39 22.38 -2.38 -5.27
CA GLY A 39 23.11 -3.00 -6.34
C GLY A 39 24.55 -2.60 -6.49
N GLY A 40 24.95 -1.61 -5.72
CA GLY A 40 26.35 -1.20 -5.75
C GLY A 40 26.87 -1.00 -7.16
N LEU A 41 28.10 -1.47 -7.39
CA LEU A 41 28.79 -1.27 -8.65
C LEU A 41 28.05 -1.87 -9.84
N GLU A 42 27.54 -3.09 -9.68
CA GLU A 42 26.90 -3.76 -10.81
C GLU A 42 25.65 -3.03 -11.31
N ALA A 43 24.81 -2.55 -10.40
CA ALA A 43 23.63 -1.79 -10.81
C ALA A 43 24.05 -0.47 -11.45
N THR A 44 25.13 0.12 -10.95
CA THR A 44 25.61 1.37 -11.51
C THR A 44 26.05 1.19 -12.97
N LYS A 45 26.75 0.10 -13.27
CA LYS A 45 27.13 -0.15 -14.65
C LYS A 45 25.89 -0.23 -15.54
N LYS A 46 24.84 -0.89 -15.04
CA LYS A 46 23.64 -1.07 -15.81
C LYS A 46 22.89 0.24 -16.03
N ILE A 47 22.72 0.98 -14.95
CA ILE A 47 21.99 2.24 -15.00
C ILE A 47 22.63 3.24 -15.97
N LEU A 48 23.96 3.18 -16.10
CA LEU A 48 24.70 4.10 -16.96
C LEU A 48 25.05 3.51 -18.34
N SER A 49 24.56 2.30 -18.62
CA SER A 49 24.98 1.59 -19.83
C SER A 49 24.62 2.30 -21.13
N ASP A 50 23.57 3.12 -21.12
CA ASP A 50 23.18 3.85 -22.33
C ASP A 50 23.43 5.36 -22.23
N ILE A 51 24.25 5.76 -21.27
CA ILE A 51 24.55 7.17 -21.06
C ILE A 51 25.86 7.54 -21.77
N GLU A 52 25.83 8.65 -22.50
CA GLU A 52 27.03 9.13 -23.21
C GLU A 52 27.56 10.42 -22.60
N LEU A 53 28.83 10.38 -22.17
CA LEU A 53 29.51 11.55 -21.64
C LEU A 53 30.98 11.46 -22.08
N ASN A 54 31.72 12.54 -21.88
CA ASN A 54 33.14 12.51 -22.15
C ASN A 54 33.93 13.38 -21.18
N GLU A 55 35.22 13.59 -21.47
CA GLU A 55 36.07 14.25 -20.50
C GLU A 55 35.71 15.72 -20.29
N ASN A 56 34.92 16.29 -21.20
CA ASN A 56 34.48 17.66 -21.08
C ASN A 56 33.11 17.83 -20.43
N SER A 57 32.45 16.71 -20.12
CA SER A 57 31.14 16.73 -19.49
C SER A 57 31.20 17.16 -18.03
N LYS A 58 30.11 17.76 -17.54
CA LYS A 58 29.99 18.17 -16.15
C LYS A 58 28.80 17.43 -15.55
N VAL A 59 29.02 16.72 -14.45
CA VAL A 59 28.00 15.88 -13.85
C VAL A 59 27.79 16.33 -12.42
N LEU A 60 26.52 16.35 -11.97
CA LEU A 60 26.18 16.54 -10.58
C LEU A 60 25.59 15.26 -10.06
N ASP A 61 26.06 14.80 -8.90
CA ASP A 61 25.49 13.63 -8.22
C ASP A 61 24.82 14.14 -6.93
N ILE A 62 23.50 14.06 -6.89
CA ILE A 62 22.73 14.50 -5.74
C ILE A 62 22.56 13.37 -4.72
N GLY A 63 23.15 13.54 -3.54
CA GLY A 63 23.23 12.51 -2.53
C GLY A 63 24.34 11.52 -2.84
N SER A 64 25.56 12.03 -2.99
CA SER A 64 26.67 11.26 -3.53
C SER A 64 27.25 10.16 -2.62
N GLY A 65 26.89 10.17 -1.34
CA GLY A 65 27.28 9.11 -0.43
C GLY A 65 28.79 8.94 -0.27
N LEU A 66 29.27 7.70 -0.38
CA LEU A 66 30.70 7.40 -0.28
C LEU A 66 31.44 7.62 -1.59
N GLY A 67 30.69 8.02 -2.63
CA GLY A 67 31.29 8.52 -3.85
C GLY A 67 31.52 7.51 -4.96
N GLY A 68 31.06 6.28 -4.78
CA GLY A 68 31.29 5.24 -5.77
C GLY A 68 30.78 5.62 -7.16
N GLY A 69 29.62 6.28 -7.19
CA GLY A 69 29.02 6.70 -8.44
C GLY A 69 29.87 7.73 -9.18
N CYS A 70 30.34 8.74 -8.46
CA CYS A 70 31.23 9.72 -9.05
C CYS A 70 32.53 9.06 -9.51
N MET A 71 33.07 8.16 -8.69
CA MET A 71 34.28 7.45 -9.06
C MET A 71 34.08 6.69 -10.37
N TYR A 72 32.96 6.01 -10.52
CA TYR A 72 32.70 5.22 -11.72
C TYR A 72 32.47 6.11 -12.94
N ILE A 73 31.69 7.16 -12.79
CA ILE A 73 31.43 8.06 -13.91
C ILE A 73 32.73 8.73 -14.36
N ASN A 74 33.57 9.14 -13.41
CA ASN A 74 34.84 9.71 -13.79
C ASN A 74 35.77 8.69 -14.45
N GLU A 75 35.73 7.44 -13.97
CA GLU A 75 36.57 6.40 -14.54
C GLU A 75 36.15 6.03 -15.96
N LYS A 76 34.85 5.87 -16.15
CA LYS A 76 34.30 5.42 -17.43
C LYS A 76 34.40 6.50 -18.50
N TYR A 77 34.09 7.73 -18.14
CA TYR A 77 33.96 8.81 -19.12
C TYR A 77 35.03 9.90 -19.05
N GLY A 78 35.70 10.01 -17.90
CA GLY A 78 36.65 11.09 -17.71
C GLY A 78 35.98 12.42 -17.36
N ALA A 79 34.69 12.36 -17.04
CA ALA A 79 33.91 13.55 -16.79
C ALA A 79 34.22 14.24 -15.47
N HIS A 80 33.96 15.53 -15.41
CA HIS A 80 34.02 16.22 -14.13
CA HIS A 80 34.02 16.26 -14.15
C HIS A 80 32.80 15.86 -13.32
N THR A 81 33.02 15.40 -12.10
CA THR A 81 31.90 15.00 -11.25
C THR A 81 31.87 15.78 -9.93
N HIS A 82 30.70 16.27 -9.55
CA HIS A 82 30.55 17.06 -8.35
C HIS A 82 29.45 16.39 -7.55
N GLY A 83 29.79 15.82 -6.40
CA GLY A 83 28.79 15.18 -5.57
C GLY A 83 28.41 16.08 -4.40
N ILE A 84 27.12 16.10 -4.07
CA ILE A 84 26.63 16.86 -2.94
C ILE A 84 25.95 15.88 -1.99
N ASP A 85 26.31 15.94 -0.72
CA ASP A 85 25.64 15.13 0.27
C ASP A 85 25.50 15.94 1.54
N ILE A 86 24.36 15.81 2.22
CA ILE A 86 24.05 16.63 3.38
C ILE A 86 24.81 16.17 4.63
N CYS A 87 25.21 14.91 4.64
CA CYS A 87 25.89 14.33 5.81
C CYS A 87 27.39 14.56 5.79
N SER A 88 27.86 15.40 6.71
CA SER A 88 29.28 15.79 6.77
CA SER A 88 29.27 15.79 6.70
C SER A 88 30.20 14.60 6.96
N ASN A 89 29.77 13.67 7.82
CA ASN A 89 30.60 12.50 8.09
C ASN A 89 30.76 11.59 6.87
N ILE A 90 29.72 11.49 6.05
CA ILE A 90 29.78 10.69 4.83
C ILE A 90 30.69 11.36 3.79
N VAL A 91 30.58 12.67 3.66
CA VAL A 91 31.46 13.42 2.78
C VAL A 91 32.91 13.30 3.21
N ASN A 92 33.17 13.34 4.51
CA ASN A 92 34.53 13.13 4.97
C ASN A 92 35.05 11.77 4.55
N MET A 93 34.22 10.74 4.66
CA MET A 93 34.60 9.40 4.23
CA MET A 93 34.60 9.40 4.23
C MET A 93 34.84 9.35 2.72
N ALA A 94 33.97 9.99 1.96
CA ALA A 94 34.13 10.01 0.52
C ALA A 94 35.46 10.64 0.11
N ASN A 95 35.82 11.74 0.75
CA ASN A 95 37.06 12.43 0.39
C ASN A 95 38.29 11.62 0.73
N GLU A 96 38.18 10.74 1.72
CA GLU A 96 39.30 9.86 2.06
C GLU A 96 39.50 8.73 1.04
N ARG A 97 38.53 8.55 0.14
CA ARG A 97 38.53 7.45 -0.83
C ARG A 97 39.13 7.85 -2.17
N VAL A 98 39.38 9.15 -2.34
CA VAL A 98 39.91 9.64 -3.61
C VAL A 98 41.05 10.60 -3.35
N SER A 99 42.14 10.46 -4.10
CA SER A 99 43.23 11.42 -4.00
C SER A 99 43.80 11.71 -5.37
N GLY A 100 44.38 12.89 -5.49
CA GLY A 100 45.06 13.27 -6.71
C GLY A 100 44.17 13.47 -7.93
N ASN A 101 42.88 13.66 -7.70
CA ASN A 101 41.94 13.78 -8.82
C ASN A 101 41.12 15.06 -8.74
N ASN A 102 41.51 16.06 -9.51
CA ASN A 102 40.85 17.37 -9.43
C ASN A 102 39.56 17.44 -10.23
N LYS A 103 39.13 16.31 -10.77
CA LYS A 103 37.88 16.24 -11.51
C LYS A 103 36.77 15.57 -10.68
N ILE A 104 37.08 15.20 -9.45
CA ILE A 104 36.06 14.71 -8.54
C ILE A 104 36.00 15.63 -7.32
N ILE A 105 34.81 16.16 -7.05
CA ILE A 105 34.60 17.02 -5.89
C ILE A 105 33.44 16.46 -5.08
N PHE A 106 33.63 16.33 -3.77
CA PHE A 106 32.55 15.99 -2.85
C PHE A 106 32.35 17.14 -1.90
N GLU A 107 31.10 17.56 -1.73
CA GLU A 107 30.78 18.74 -0.97
C GLU A 107 29.65 18.43 0.00
N ALA A 108 29.84 18.84 1.26
CA ALA A 108 28.77 18.69 2.22
C ALA A 108 27.83 19.90 2.16
N ASN A 109 26.58 19.64 1.80
CA ASN A 109 25.59 20.71 1.69
C ASN A 109 24.21 20.09 1.51
N ASP A 110 23.16 20.82 1.88
CA ASP A 110 21.80 20.44 1.59
C ASP A 110 21.53 20.83 0.14
N ILE A 111 21.18 19.87 -0.71
CA ILE A 111 20.88 20.19 -2.10
C ILE A 111 19.79 21.26 -2.25
N LEU A 112 18.89 21.35 -1.28
CA LEU A 112 17.79 22.30 -1.36
C LEU A 112 18.24 23.75 -1.22
N THR A 113 19.42 23.97 -0.63
CA THR A 113 19.93 25.32 -0.43
C THR A 113 21.16 25.61 -1.29
N LYS A 114 21.63 24.62 -2.00
CA LYS A 114 22.81 24.78 -2.84
C LYS A 114 22.44 25.55 -4.10
N GLU A 115 23.34 26.44 -4.53
CA GLU A 115 23.15 27.15 -5.77
C GLU A 115 24.19 26.72 -6.81
N PHE A 116 23.74 26.54 -8.05
CA PHE A 116 24.61 26.26 -9.18
C PHE A 116 24.18 27.17 -10.31
N PRO A 117 25.08 27.43 -11.27
CA PRO A 117 24.68 28.26 -12.41
C PRO A 117 23.60 27.58 -13.24
N GLU A 118 22.72 28.39 -13.82
CA GLU A 118 21.77 27.90 -14.81
C GLU A 118 22.54 27.26 -15.97
N ASN A 119 21.99 26.20 -16.56
CA ASN A 119 22.54 25.65 -17.80
C ASN A 119 23.98 25.15 -17.62
N ASN A 120 24.22 24.44 -16.53
CA ASN A 120 25.56 24.07 -16.11
C ASN A 120 25.94 22.61 -16.37
N PHE A 121 25.00 21.69 -16.15
CA PHE A 121 25.34 20.27 -16.13
C PHE A 121 24.90 19.49 -17.36
N ASP A 122 25.76 18.59 -17.82
CA ASP A 122 25.40 17.64 -18.87
C ASP A 122 24.53 16.50 -18.32
N LEU A 123 24.76 16.15 -17.06
CA LEU A 123 24.00 15.07 -16.43
C LEU A 123 23.81 15.45 -14.98
N ILE A 124 22.57 15.31 -14.52
CA ILE A 124 22.27 15.36 -13.10
C ILE A 124 21.80 13.96 -12.74
N TYR A 125 22.45 13.36 -11.77
CA TYR A 125 22.35 11.95 -11.48
C TYR A 125 22.02 11.80 -10.01
N SER A 126 21.08 10.94 -9.66
CA SER A 126 20.79 10.72 -8.25
C SER A 126 20.33 9.29 -8.04
N ARG A 127 20.89 8.62 -7.03
CA ARG A 127 20.58 7.23 -6.76
C ARG A 127 20.07 7.06 -5.34
N ASP A 128 18.77 6.82 -5.21
CA ASP A 128 18.14 6.50 -3.93
C ASP A 128 18.44 7.51 -2.82
N ALA A 129 18.25 8.78 -3.14
CA ALA A 129 18.49 9.85 -2.21
C ALA A 129 17.26 10.74 -2.00
N ILE A 130 16.46 10.90 -3.04
CA ILE A 130 15.39 11.89 -3.00
C ILE A 130 14.21 11.42 -2.14
N LEU A 131 14.20 10.13 -1.82
CA LEU A 131 13.22 9.60 -0.86
C LEU A 131 13.27 10.32 0.50
N HIS A 132 14.38 10.97 0.82
CA HIS A 132 14.50 11.72 2.06
C HIS A 132 13.73 13.05 2.05
N LEU A 133 13.35 13.52 0.87
CA LEU A 133 12.74 14.84 0.73
C LEU A 133 11.22 14.75 0.82
N SER A 134 10.60 15.78 1.42
CA SER A 134 9.16 15.88 1.49
C SER A 134 8.64 16.09 0.06
N LEU A 135 7.36 15.84 -0.15
CA LEU A 135 6.78 16.01 -1.48
C LEU A 135 6.99 17.44 -2.01
N GLU A 136 6.79 18.43 -1.14
CA GLU A 136 6.99 19.83 -1.52
C GLU A 136 8.43 20.03 -1.96
N ASN A 137 9.36 19.42 -1.24
CA ASN A 137 10.77 19.59 -1.60
C ASN A 137 11.21 18.78 -2.81
N LYS A 138 10.56 17.66 -3.10
CA LYS A 138 10.87 16.95 -4.33
C LYS A 138 10.58 17.88 -5.52
N ASN A 139 9.43 18.53 -5.48
CA ASN A 139 9.04 19.43 -6.57
CA ASN A 139 9.05 19.43 -6.57
C ASN A 139 10.02 20.60 -6.68
N LYS A 140 10.38 21.19 -5.54
CA LYS A 140 11.33 22.29 -5.55
C LYS A 140 12.69 21.84 -6.08
N LEU A 141 13.13 20.65 -5.69
CA LEU A 141 14.41 20.13 -6.19
C LEU A 141 14.40 19.96 -7.72
N PHE A 142 13.32 19.39 -8.25
CA PHE A 142 13.30 19.16 -9.69
C PHE A 142 13.17 20.44 -10.51
N GLN A 143 12.56 21.48 -9.94
CA GLN A 143 12.62 22.80 -10.56
C GLN A 143 14.07 23.32 -10.60
N LYS A 144 14.83 23.09 -9.54
CA LYS A 144 16.22 23.50 -9.54
C LYS A 144 17.02 22.70 -10.56
N CYS A 145 16.81 21.39 -10.59
CA CYS A 145 17.47 20.54 -11.57
C CYS A 145 17.20 20.99 -13.00
N TYR A 146 15.94 21.36 -13.29
CA TYR A 146 15.60 21.85 -14.61
C TYR A 146 16.46 23.08 -14.95
N LYS A 147 16.55 24.02 -14.03
CA LYS A 147 17.38 25.21 -14.23
CA LYS A 147 17.37 25.21 -14.21
C LYS A 147 18.84 24.86 -14.45
N TRP A 148 19.34 23.94 -13.63
CA TRP A 148 20.77 23.62 -13.63
C TRP A 148 21.24 22.82 -14.83
N LEU A 149 20.34 22.10 -15.48
CA LEU A 149 20.73 21.30 -16.64
C LEU A 149 21.04 22.20 -17.83
N LYS A 150 22.03 21.82 -18.62
CA LYS A 150 22.24 22.44 -19.92
C LYS A 150 21.05 22.13 -20.82
N PRO A 151 20.82 22.99 -21.83
CA PRO A 151 19.75 22.72 -22.78
C PRO A 151 19.81 21.29 -23.32
N THR A 152 21.02 20.75 -23.48
CA THR A 152 21.20 19.41 -24.03
C THR A 152 21.40 18.34 -22.97
N GLY A 153 21.17 18.71 -21.72
CA GLY A 153 21.46 17.83 -20.60
C GLY A 153 20.39 16.80 -20.29
N THR A 154 20.78 15.83 -19.47
CA THR A 154 19.91 14.72 -19.09
CA THR A 154 19.87 14.77 -19.09
C THR A 154 19.81 14.61 -17.59
N LEU A 155 18.63 14.20 -17.12
CA LEU A 155 18.36 13.91 -15.72
C LEU A 155 18.19 12.40 -15.61
N LEU A 156 18.87 11.79 -14.66
CA LEU A 156 18.84 10.33 -14.51
C LEU A 156 18.75 9.99 -13.03
N ILE A 157 17.65 9.33 -12.66
CA ILE A 157 17.32 9.11 -11.25
CA ILE A 157 17.34 9.10 -11.24
C ILE A 157 16.90 7.66 -11.00
N THR A 158 17.36 7.09 -9.89
CA THR A 158 16.63 5.97 -9.32
C THR A 158 16.18 6.43 -7.95
N ASP A 159 15.02 5.96 -7.53
CA ASP A 159 14.57 6.32 -6.20
C ASP A 159 13.61 5.27 -5.65
N TYR A 160 13.49 5.22 -4.34
CA TYR A 160 12.53 4.35 -3.68
C TYR A 160 11.16 4.89 -3.90
N CYS A 161 10.26 4.05 -4.40
CA CYS A 161 8.87 4.42 -4.59
C CYS A 161 7.99 3.41 -3.88
N ALA A 162 6.68 3.54 -4.06
CA ALA A 162 5.75 2.64 -3.41
C ALA A 162 4.42 2.58 -4.12
N THR A 163 3.61 1.62 -3.73
CA THR A 163 2.21 1.63 -4.10
C THR A 163 1.57 2.85 -3.43
N GLU A 164 0.34 3.18 -3.82
CA GLU A 164 -0.37 4.31 -3.23
C GLU A 164 -0.45 4.15 -1.72
N LYS A 165 -0.30 5.25 -0.99
CA LYS A 165 -0.22 5.24 0.45
C LYS A 165 -1.42 4.57 1.13
N GLU A 166 -2.58 4.68 0.51
CA GLU A 166 -3.81 4.06 1.02
C GLU A 166 -3.65 2.54 1.16
N ASN A 167 -2.70 1.99 0.43
CA ASN A 167 -2.53 0.54 0.34
C ASN A 167 -1.46 -0.03 1.28
N TRP A 168 -0.75 0.84 2.01
CA TRP A 168 0.35 0.38 2.83
C TRP A 168 -0.11 -0.43 4.02
N ASP A 169 0.64 -1.47 4.36
CA ASP A 169 0.29 -2.21 5.57
C ASP A 169 1.03 -1.69 6.80
N ASP A 170 0.73 -2.24 7.96
CA ASP A 170 1.29 -1.74 9.20
C ASP A 170 2.81 -1.73 9.19
N GLU A 171 3.42 -2.81 8.76
CA GLU A 171 4.88 -2.90 8.81
C GLU A 171 5.52 -1.92 7.86
N PHE A 172 4.90 -1.71 6.70
CA PHE A 172 5.47 -0.78 5.73
C PHE A 172 5.30 0.65 6.22
N LYS A 173 4.15 0.96 6.85
CA LYS A 173 3.93 2.30 7.38
C LYS A 173 4.99 2.62 8.44
N GLU A 174 5.31 1.62 9.26
CA GLU A 174 6.28 1.82 10.33
C GLU A 174 7.69 2.07 9.78
N TYR A 175 8.07 1.28 8.78
CA TYR A 175 9.35 1.45 8.09
C TYR A 175 9.50 2.88 7.58
N VAL A 176 8.50 3.35 6.85
CA VAL A 176 8.56 4.68 6.26
C VAL A 176 8.64 5.75 7.35
N LYS A 177 7.82 5.59 8.39
CA LYS A 177 7.72 6.57 9.47
C LYS A 177 9.04 6.67 10.25
N GLN A 178 9.62 5.52 10.58
CA GLN A 178 10.85 5.49 11.36
C GLN A 178 11.98 6.18 10.62
N ARG A 179 12.02 6.01 9.31
CA ARG A 179 13.09 6.59 8.49
C ARG A 179 12.80 8.02 8.03
N LYS A 180 11.56 8.47 8.22
CA LYS A 180 11.10 9.77 7.74
C LYS A 180 11.23 9.88 6.22
N TYR A 181 11.00 8.76 5.52
CA TYR A 181 10.96 8.80 4.07
C TYR A 181 9.65 9.39 3.57
N THR A 182 9.67 9.97 2.39
CA THR A 182 8.42 10.29 1.72
C THR A 182 8.40 9.48 0.43
N LEU A 183 7.59 8.43 0.40
CA LEU A 183 7.57 7.55 -0.77
C LEU A 183 6.30 7.76 -1.56
N ILE A 184 6.45 7.99 -2.84
CA ILE A 184 5.32 8.14 -3.73
C ILE A 184 5.35 7.10 -4.83
N THR A 185 4.30 7.07 -5.64
CA THR A 185 4.25 6.09 -6.71
C THR A 185 5.18 6.49 -7.85
N VAL A 186 5.59 5.50 -8.64
CA VAL A 186 6.44 5.77 -9.79
C VAL A 186 5.74 6.76 -10.70
N GLU A 187 4.42 6.61 -10.83
CA GLU A 187 3.62 7.48 -11.68
C GLU A 187 3.53 8.92 -11.18
N GLU A 188 3.38 9.10 -9.86
CA GLU A 188 3.33 10.45 -9.29
C GLU A 188 4.67 11.14 -9.51
N TYR A 189 5.73 10.36 -9.37
CA TYR A 189 7.07 10.88 -9.56
C TYR A 189 7.28 11.38 -10.99
N ALA A 190 6.89 10.57 -11.96
CA ALA A 190 7.00 10.99 -13.35
C ALA A 190 6.20 12.24 -13.64
N ASP A 191 5.02 12.33 -13.03
CA ASP A 191 4.16 13.50 -13.20
C ASP A 191 4.84 14.76 -12.66
N ILE A 192 5.59 14.64 -11.56
CA ILE A 192 6.36 15.79 -11.04
C ILE A 192 7.36 16.27 -12.09
N LEU A 193 8.08 15.35 -12.71
CA LEU A 193 9.03 15.73 -13.77
C LEU A 193 8.32 16.45 -14.95
N THR A 194 7.19 15.92 -15.38
CA THR A 194 6.44 16.54 -16.46
C THR A 194 5.98 17.94 -16.05
N ALA A 195 5.52 18.07 -14.81
CA ALA A 195 5.09 19.37 -14.31
C ALA A 195 6.22 20.39 -14.24
N CYS A 196 7.44 19.90 -14.08
CA CYS A 196 8.63 20.75 -14.04
C CYS A 196 9.16 21.03 -15.44
N ASN A 197 8.40 20.64 -16.45
CA ASN A 197 8.69 20.93 -17.84
C ASN A 197 9.79 20.07 -18.49
N PHE A 198 10.19 18.99 -17.83
CA PHE A 198 11.12 18.04 -18.46
C PHE A 198 10.48 17.40 -19.67
N LYS A 199 11.31 17.10 -20.67
CA LYS A 199 10.84 16.49 -21.90
C LYS A 199 11.33 15.05 -21.97
N ASN A 200 10.73 14.26 -22.87
CA ASN A 200 11.09 12.86 -23.04
C ASN A 200 11.19 12.11 -21.72
N VAL A 201 10.18 12.27 -20.87
CA VAL A 201 10.18 11.65 -19.56
C VAL A 201 9.89 10.17 -19.70
N VAL A 202 10.84 9.36 -19.26
CA VAL A 202 10.71 7.92 -19.28
C VAL A 202 10.77 7.44 -17.84
N SER A 203 9.79 6.66 -17.41
CA SER A 203 9.90 6.02 -16.12
C SER A 203 9.83 4.52 -16.31
N LYS A 204 10.52 3.80 -15.44
CA LYS A 204 10.47 2.35 -15.47
C LYS A 204 10.24 1.87 -14.05
N ASP A 205 9.29 0.98 -13.86
CA ASP A 205 9.17 0.30 -12.58
C ASP A 205 10.15 -0.85 -12.63
N LEU A 206 11.26 -0.71 -11.91
CA LEU A 206 12.32 -1.72 -11.88
C LEU A 206 12.25 -2.56 -10.62
N SER A 207 11.06 -2.74 -10.06
CA SER A 207 10.93 -3.51 -8.84
C SER A 207 11.41 -4.97 -9.00
N ASP A 208 11.17 -5.60 -10.15
CA ASP A 208 11.64 -6.96 -10.37
C ASP A 208 13.17 -7.05 -10.33
N TYR A 209 13.83 -6.13 -11.02
CA TYR A 209 15.28 -6.08 -11.02
C TYR A 209 15.78 -5.76 -9.62
N TRP A 210 15.12 -4.82 -8.95
CA TRP A 210 15.48 -4.49 -7.58
C TRP A 210 15.42 -5.74 -6.69
N ASN A 211 14.35 -6.52 -6.85
CA ASN A 211 14.20 -7.74 -6.09
C ASN A 211 15.39 -8.67 -6.31
N GLN A 212 15.86 -8.74 -7.57
CA GLN A 212 17.03 -9.55 -7.91
C GLN A 212 18.28 -9.07 -7.18
N LEU A 213 18.47 -7.76 -7.18
CA LEU A 213 19.63 -7.15 -6.53
C LEU A 213 19.58 -7.43 -5.03
N LEU A 214 18.38 -7.31 -4.46
CA LEU A 214 18.20 -7.59 -3.05
C LEU A 214 18.53 -9.03 -2.70
N GLU A 215 18.11 -9.97 -3.53
CA GLU A 215 18.40 -11.38 -3.29
C GLU A 215 19.90 -11.66 -3.31
N VAL A 216 20.61 -11.07 -4.27
CA VAL A 216 22.07 -11.24 -4.32
C VAL A 216 22.71 -10.73 -3.03
N GLU A 217 22.27 -9.55 -2.59
CA GLU A 217 22.79 -8.96 -1.36
C GLU A 217 22.48 -9.77 -0.11
N HIS A 218 21.26 -10.29 -0.03
CA HIS A 218 20.84 -11.10 1.11
C HIS A 218 21.66 -12.38 1.20
N LYS A 219 21.87 -13.01 0.04
CA LYS A 219 22.70 -14.23 -0.03
C LYS A 219 24.10 -13.91 0.46
N TYR A 220 24.65 -12.80 -0.03
CA TYR A 220 25.99 -12.37 0.36
C TYR A 220 26.09 -12.18 1.87
N LEU A 221 25.09 -11.50 2.44
CA LEU A 221 25.08 -11.30 3.88
C LEU A 221 25.11 -12.61 4.66
N HIS A 222 24.32 -13.59 4.21
CA HIS A 222 24.28 -14.89 4.89
C HIS A 222 25.60 -15.64 4.73
N GLU A 223 26.16 -15.59 3.54
CA GLU A 223 27.40 -16.30 3.27
C GLU A 223 28.61 -15.68 3.96
N ASN A 224 28.47 -14.42 4.37
CA ASN A 224 29.57 -13.71 5.00
C ASN A 224 29.26 -13.25 6.42
N LYS A 225 28.41 -14.03 7.08
CA LYS A 225 27.98 -13.70 8.43
C LYS A 225 29.12 -13.67 9.43
N GLU A 226 30.01 -14.64 9.37
CA GLU A 226 31.15 -14.67 10.28
C GLU A 226 31.94 -13.37 10.17
N GLU A 227 32.16 -12.93 8.94
CA GLU A 227 32.93 -11.71 8.73
C GLU A 227 32.17 -10.49 9.22
N PHE A 228 30.86 -10.49 9.01
CA PHE A 228 30.02 -9.40 9.48
C PHE A 228 30.12 -9.26 10.99
N LEU A 229 30.07 -10.40 11.68
CA LEU A 229 30.07 -10.41 13.14
C LEU A 229 31.41 -9.99 13.73
N LYS A 230 32.48 -10.15 12.96
CA LYS A 230 33.78 -9.65 13.37
C LYS A 230 33.79 -8.13 13.39
N LEU A 231 33.00 -7.53 12.50
CA LEU A 231 33.02 -6.08 12.31
C LEU A 231 31.96 -5.35 13.11
N PHE A 232 30.84 -6.01 13.32
CA PHE A 232 29.70 -5.35 13.90
C PHE A 232 29.14 -6.08 15.11
N SER A 233 27.87 -6.31 15.20
CA SER A 233 27.28 -7.06 16.30
C SER A 233 26.19 -7.93 15.73
N GLU A 234 25.76 -8.95 16.47
CA GLU A 234 24.66 -9.79 16.02
C GLU A 234 23.37 -8.97 15.90
N LYS A 235 23.19 -8.03 16.81
CA LYS A 235 22.02 -7.16 16.77
C LYS A 235 21.91 -6.42 15.43
N LYS A 236 23.02 -5.86 14.95
CA LYS A 236 23.03 -5.16 13.67
C LYS A 236 22.82 -6.15 12.53
N PHE A 237 23.30 -7.38 12.71
CA PHE A 237 23.09 -8.39 11.67
C PHE A 237 21.61 -8.68 11.51
N ILE A 238 20.96 -8.93 12.64
CA ILE A 238 19.54 -9.28 12.64
C ILE A 238 18.70 -8.16 12.03
N SER A 239 19.04 -6.92 12.35
CA SER A 239 18.30 -5.77 11.83
CA SER A 239 18.28 -5.78 11.83
C SER A 239 18.43 -5.68 10.31
N LEU A 240 19.65 -5.89 9.83
CA LEU A 240 19.90 -5.80 8.40
C LEU A 240 19.21 -6.95 7.68
N ASP A 241 19.34 -8.15 8.25
CA ASP A 241 18.78 -9.36 7.69
C ASP A 241 17.26 -9.22 7.56
N ASP A 242 16.63 -8.81 8.66
CA ASP A 242 15.18 -8.62 8.66
C ASP A 242 14.77 -7.50 7.69
N GLY A 243 15.58 -6.45 7.61
CA GLY A 243 15.29 -5.36 6.70
C GLY A 243 15.29 -5.80 5.26
N TRP A 244 16.27 -6.61 4.86
CA TRP A 244 16.36 -7.09 3.49
C TRP A 244 15.22 -8.07 3.21
N SER A 245 14.90 -8.92 4.18
CA SER A 245 13.79 -9.86 4.02
CA SER A 245 13.80 -9.86 4.01
C SER A 245 12.50 -9.13 3.73
N ARG A 246 12.24 -8.03 4.44
CA ARG A 246 11.02 -7.27 4.19
C ARG A 246 11.05 -6.61 2.80
N LYS A 247 12.19 -6.03 2.42
CA LYS A 247 12.29 -5.41 1.10
C LYS A 247 12.08 -6.43 -0.01
N ILE A 248 12.59 -7.65 0.18
CA ILE A 248 12.41 -8.71 -0.81
C ILE A 248 10.93 -9.05 -0.93
N LYS A 249 10.28 -9.25 0.22
CA LYS A 249 8.85 -9.55 0.23
C LYS A 249 8.02 -8.42 -0.36
N ASP A 250 8.32 -7.18 0.01
CA ASP A 250 7.51 -6.06 -0.43
C ASP A 250 7.75 -5.64 -1.88
N SER A 251 8.96 -5.90 -2.40
CA SER A 251 9.22 -5.63 -3.80
C SER A 251 8.56 -6.67 -4.70
N LYS A 252 8.46 -7.92 -4.23
CA LYS A 252 7.81 -8.96 -5.01
C LYS A 252 6.36 -8.60 -5.28
N ARG A 253 5.69 -8.08 -4.25
CA ARG A 253 4.28 -7.70 -4.38
C ARG A 253 4.07 -6.23 -4.77
N LYS A 254 5.15 -5.54 -5.08
CA LYS A 254 5.08 -4.15 -5.51
C LYS A 254 4.47 -3.20 -4.46
N MET A 255 4.59 -3.56 -3.18
CA MET A 255 4.20 -2.59 -2.15
CA MET A 255 4.24 -2.65 -2.08
C MET A 255 5.28 -1.53 -2.03
N GLN A 256 6.54 -1.97 -2.03
CA GLN A 256 7.67 -1.08 -2.15
C GLN A 256 8.23 -1.29 -3.56
N ARG A 257 8.53 -0.20 -4.25
CA ARG A 257 8.89 -0.26 -5.67
C ARG A 257 10.20 0.46 -5.86
N TRP A 258 10.87 0.16 -6.97
CA TRP A 258 12.09 0.85 -7.35
C TRP A 258 11.85 1.58 -8.65
N GLY A 259 11.99 2.91 -8.63
CA GLY A 259 11.70 3.70 -9.82
C GLY A 259 12.96 4.19 -10.51
N TYR A 260 12.91 4.15 -11.84
CA TYR A 260 13.99 4.68 -12.68
C TYR A 260 13.38 5.77 -13.53
N PHE A 261 14.06 6.91 -13.63
CA PHE A 261 13.53 8.04 -14.40
C PHE A 261 14.64 8.65 -15.22
N LYS A 262 14.35 8.94 -16.47
CA LYS A 262 15.29 9.65 -17.33
C LYS A 262 14.52 10.73 -18.08
N ALA A 263 15.09 11.91 -18.18
CA ALA A 263 14.40 12.99 -18.88
C ALA A 263 15.43 13.95 -19.42
N THR A 264 14.99 14.81 -20.33
CA THR A 264 15.86 15.85 -20.87
C THR A 264 15.27 17.24 -20.65
N LYS A 265 16.10 18.26 -20.78
CA LYS A 265 15.62 19.62 -20.61
C LYS A 265 14.87 20.08 -21.85
N ASN A 266 15.35 19.64 -23.01
CA ASN A 266 14.70 19.95 -24.28
C ASN A 266 14.55 18.71 -25.17
N SER B 9 -26.78 -24.88 14.49
CA SER B 9 -26.18 -24.49 13.23
C SER B 9 -25.95 -22.98 13.19
N ASP B 10 -25.06 -22.55 12.29
CA ASP B 10 -24.77 -21.13 12.13
C ASP B 10 -25.98 -20.37 11.61
N LYS B 11 -26.74 -21.00 10.72
CA LYS B 11 -27.94 -20.36 10.17
C LYS B 11 -28.88 -20.01 11.31
N THR B 12 -29.14 -21.00 12.16
CA THR B 12 -30.03 -20.82 13.30
C THR B 12 -29.51 -19.76 14.26
N PHE B 13 -28.22 -19.82 14.56
CA PHE B 13 -27.61 -18.82 15.44
C PHE B 13 -27.80 -17.40 14.90
N LEU B 14 -27.57 -17.19 13.61
CA LEU B 14 -27.72 -15.86 13.03
C LEU B 14 -29.17 -15.41 12.98
N GLU B 15 -30.06 -16.30 12.57
CA GLU B 15 -31.46 -15.93 12.38
C GLU B 15 -32.18 -15.63 13.68
N ASN B 16 -31.72 -16.26 14.75
CA ASN B 16 -32.40 -16.16 16.04
C ASN B 16 -31.79 -15.14 16.96
N ASN B 17 -30.71 -14.52 16.51
CA ASN B 17 -30.03 -13.56 17.34
C ASN B 17 -29.72 -12.26 16.62
N GLN B 18 -28.56 -12.12 15.99
CA GLN B 18 -28.19 -10.85 15.40
C GLN B 18 -29.14 -10.44 14.29
N TYR B 19 -29.59 -11.40 13.49
CA TYR B 19 -30.36 -11.09 12.29
C TYR B 19 -31.81 -11.56 12.36
N THR B 20 -32.45 -11.37 13.50
CA THR B 20 -33.89 -11.50 13.56
C THR B 20 -34.48 -10.39 12.68
N ASP B 21 -35.76 -10.52 12.33
CA ASP B 21 -36.40 -9.49 11.50
C ASP B 21 -36.25 -8.09 12.10
N GLU B 22 -36.56 -7.94 13.38
CA GLU B 22 -36.43 -6.64 14.02
C GLU B 22 -34.96 -6.17 14.04
N GLY B 23 -34.05 -7.10 14.30
CA GLY B 23 -32.63 -6.76 14.31
C GLY B 23 -32.22 -6.15 12.97
N VAL B 24 -32.70 -6.76 11.90
CA VAL B 24 -32.43 -6.29 10.55
C VAL B 24 -33.03 -4.90 10.31
N LYS B 25 -34.26 -4.69 10.76
CA LYS B 25 -34.91 -3.39 10.58
C LYS B 25 -34.19 -2.28 11.35
N VAL B 26 -33.66 -2.62 12.53
CA VAL B 26 -32.90 -1.66 13.32
C VAL B 26 -31.62 -1.27 12.58
N TYR B 27 -30.93 -2.26 12.02
CA TYR B 27 -29.71 -1.95 11.26
C TYR B 27 -30.04 -1.09 10.05
N GLU B 28 -31.13 -1.42 9.36
CA GLU B 28 -31.51 -0.65 8.19
C GLU B 28 -31.81 0.82 8.56
N PHE B 29 -32.40 1.04 9.73
CA PHE B 29 -32.66 2.40 10.19
C PHE B 29 -31.38 3.23 10.19
N ILE B 30 -30.30 2.68 10.73
CA ILE B 30 -29.08 3.45 10.91
C ILE B 30 -28.18 3.43 9.68
N PHE B 31 -28.13 2.30 8.98
CA PHE B 31 -27.26 2.21 7.80
C PHE B 31 -27.90 2.82 6.55
N GLY B 32 -29.23 2.79 6.47
CA GLY B 32 -29.95 3.30 5.31
C GLY B 32 -30.77 2.24 4.60
N GLU B 33 -31.81 2.68 3.88
CA GLU B 33 -32.72 1.78 3.15
C GLU B 33 -31.98 0.71 2.34
N ASN B 34 -32.35 -0.54 2.55
CA ASN B 34 -31.82 -1.68 1.78
C ASN B 34 -30.39 -2.09 2.17
N TYR B 35 -29.88 -1.49 3.24
CA TYR B 35 -28.53 -1.78 3.70
C TYR B 35 -28.49 -2.20 5.15
N ILE B 36 -27.62 -3.15 5.47
CA ILE B 36 -27.33 -3.49 6.84
C ILE B 36 -25.83 -3.56 7.09
N SER B 37 -25.07 -2.71 6.40
CA SER B 37 -23.64 -2.61 6.66
C SER B 37 -23.12 -1.21 6.47
N SER B 38 -21.88 -1.03 6.93
CA SER B 38 -21.19 0.25 7.02
C SER B 38 -21.41 1.19 5.86
N GLY B 39 -21.91 2.39 6.16
CA GLY B 39 -21.96 3.45 5.18
C GLY B 39 -23.06 3.40 4.13
N GLY B 40 -23.86 2.34 4.14
CA GLY B 40 -24.99 2.24 3.26
C GLY B 40 -24.69 2.58 1.81
N LEU B 41 -25.60 3.32 1.19
CA LEU B 41 -25.45 3.66 -0.23
C LEU B 41 -24.21 4.49 -0.54
N GLU B 42 -23.95 5.52 0.27
CA GLU B 42 -22.79 6.37 0.01
C GLU B 42 -21.47 5.59 -0.04
N ALA B 43 -21.27 4.68 0.91
CA ALA B 43 -20.04 3.89 0.90
C ALA B 43 -19.98 2.93 -0.30
N THR B 44 -21.13 2.40 -0.68
CA THR B 44 -21.20 1.53 -1.84
C THR B 44 -20.81 2.28 -3.12
N LYS B 45 -21.29 3.52 -3.25
CA LYS B 45 -20.90 4.34 -4.40
C LYS B 45 -19.39 4.47 -4.48
N LYS B 46 -18.76 4.76 -3.34
CA LYS B 46 -17.32 4.95 -3.34
C LYS B 46 -16.58 3.65 -3.63
N ILE B 47 -17.00 2.56 -3.00
CA ILE B 47 -16.32 1.27 -3.13
C ILE B 47 -16.38 0.74 -4.56
N LEU B 48 -17.45 1.07 -5.27
CA LEU B 48 -17.59 0.64 -6.66
C LEU B 48 -17.14 1.70 -7.68
N SER B 49 -16.56 2.80 -7.21
CA SER B 49 -16.29 3.92 -8.12
C SER B 49 -15.27 3.63 -9.23
N ASP B 50 -14.38 2.66 -9.02
CA ASP B 50 -13.40 2.29 -10.04
C ASP B 50 -13.66 0.93 -10.69
N ILE B 51 -14.87 0.40 -10.49
CA ILE B 51 -15.26 -0.89 -11.02
C ILE B 51 -15.98 -0.73 -12.36
N GLU B 52 -15.53 -1.49 -13.36
CA GLU B 52 -16.17 -1.47 -14.66
C GLU B 52 -16.91 -2.77 -14.94
N LEU B 53 -18.21 -2.65 -15.24
CA LEU B 53 -19.06 -3.78 -15.56
C LEU B 53 -20.04 -3.29 -16.62
N ASN B 54 -20.75 -4.21 -17.24
CA ASN B 54 -21.83 -3.80 -18.14
C ASN B 54 -23.01 -4.77 -18.10
N GLU B 55 -23.94 -4.62 -19.04
CA GLU B 55 -25.18 -5.38 -18.99
C GLU B 55 -24.99 -6.88 -19.20
N ASN B 56 -23.81 -7.27 -19.69
CA ASN B 56 -23.50 -8.67 -19.91
C ASN B 56 -22.68 -9.28 -18.75
N SER B 57 -22.32 -8.47 -17.77
CA SER B 57 -21.52 -8.94 -16.64
C SER B 57 -22.34 -9.80 -15.69
N LYS B 58 -21.70 -10.80 -15.07
CA LYS B 58 -22.34 -11.56 -14.01
C LYS B 58 -21.63 -11.31 -12.70
N VAL B 59 -22.41 -11.01 -11.66
CA VAL B 59 -21.89 -10.63 -10.36
C VAL B 59 -22.47 -11.56 -9.29
N LEU B 60 -21.62 -11.96 -8.34
CA LEU B 60 -22.04 -12.70 -7.16
C LEU B 60 -21.84 -11.80 -5.96
N ASP B 61 -22.88 -11.64 -5.13
CA ASP B 61 -22.80 -10.90 -3.87
C ASP B 61 -22.88 -11.91 -2.73
N ILE B 62 -21.79 -12.09 -2.00
CA ILE B 62 -21.74 -13.04 -0.91
C ILE B 62 -22.17 -12.36 0.40
N GLY B 63 -23.32 -12.80 0.92
CA GLY B 63 -23.93 -12.19 2.10
C GLY B 63 -24.71 -10.96 1.70
N SER B 64 -25.66 -11.14 0.80
CA SER B 64 -26.32 -10.02 0.11
C SER B 64 -27.28 -9.19 0.97
N GLY B 65 -27.61 -9.68 2.15
CA GLY B 65 -28.49 -8.95 3.06
C GLY B 65 -29.81 -8.50 2.45
N LEU B 66 -30.13 -7.23 2.62
CA LEU B 66 -31.40 -6.70 2.13
C LEU B 66 -31.34 -6.36 0.64
N GLY B 67 -30.16 -6.50 0.05
CA GLY B 67 -30.04 -6.46 -1.39
C GLY B 67 -29.64 -5.13 -2.00
N GLY B 68 -29.38 -4.14 -1.14
CA GLY B 68 -28.99 -2.82 -1.60
C GLY B 68 -27.80 -2.81 -2.57
N GLY B 69 -26.77 -3.60 -2.26
CA GLY B 69 -25.62 -3.72 -3.14
C GLY B 69 -25.99 -4.23 -4.53
N CYS B 70 -26.77 -5.31 -4.58
CA CYS B 70 -27.22 -5.86 -5.85
C CYS B 70 -28.06 -4.86 -6.62
N MET B 71 -28.96 -4.17 -5.91
CA MET B 71 -29.78 -3.13 -6.55
C MET B 71 -28.93 -2.04 -7.17
N TYR B 72 -27.93 -1.56 -6.43
CA TYR B 72 -27.06 -0.52 -6.96
C TYR B 72 -26.24 -0.99 -8.15
N ILE B 73 -25.64 -2.18 -8.03
CA ILE B 73 -24.82 -2.70 -9.12
C ILE B 73 -25.69 -2.88 -10.36
N ASN B 74 -26.89 -3.44 -10.20
CA ASN B 74 -27.76 -3.57 -11.36
C ASN B 74 -28.21 -2.23 -11.93
N GLU B 75 -28.47 -1.25 -11.07
CA GLU B 75 -28.88 0.07 -11.55
C GLU B 75 -27.74 0.78 -12.29
N LYS B 76 -26.54 0.73 -11.72
CA LYS B 76 -25.40 1.46 -12.25
C LYS B 76 -24.90 0.86 -13.56
N TYR B 77 -24.87 -0.47 -13.64
CA TYR B 77 -24.22 -1.16 -14.75
C TYR B 77 -25.15 -1.98 -15.64
N GLY B 78 -26.32 -2.32 -15.12
CA GLY B 78 -27.23 -3.22 -15.81
C GLY B 78 -26.80 -4.68 -15.73
N ALA B 79 -25.85 -4.98 -14.85
CA ALA B 79 -25.34 -6.33 -14.71
C ALA B 79 -26.31 -7.33 -14.09
N HIS B 80 -26.10 -8.60 -14.40
CA HIS B 80 -26.81 -9.68 -13.73
C HIS B 80 -26.21 -9.81 -12.34
N THR B 81 -27.06 -9.79 -11.32
CA THR B 81 -26.56 -9.91 -9.96
C THR B 81 -27.24 -11.07 -9.28
N HIS B 82 -26.46 -11.84 -8.54
CA HIS B 82 -26.95 -13.02 -7.85
C HIS B 82 -26.44 -12.88 -6.43
N GLY B 83 -27.35 -12.72 -5.48
CA GLY B 83 -26.96 -12.57 -4.08
C GLY B 83 -27.26 -13.83 -3.29
N ILE B 84 -26.34 -14.22 -2.42
CA ILE B 84 -26.51 -15.41 -1.59
C ILE B 84 -26.44 -14.97 -0.15
N ASP B 85 -27.43 -15.35 0.64
CA ASP B 85 -27.41 -15.05 2.06
C ASP B 85 -27.96 -16.25 2.81
N ILE B 86 -27.35 -16.55 3.96
CA ILE B 86 -27.69 -17.75 4.71
C ILE B 86 -29.00 -17.59 5.48
N CYS B 87 -29.39 -16.36 5.80
CA CYS B 87 -30.62 -16.12 6.58
C CYS B 87 -31.84 -16.04 5.68
N SER B 88 -32.75 -17.01 5.81
CA SER B 88 -33.95 -17.11 4.99
C SER B 88 -34.86 -15.89 5.13
N ASN B 89 -34.96 -15.38 6.36
CA ASN B 89 -35.81 -14.24 6.62
C ASN B 89 -35.30 -12.97 5.95
N ILE B 90 -33.98 -12.82 5.89
N ILE B 90 -33.98 -12.83 5.87
CA ILE B 90 -33.39 -11.68 5.23
CA ILE B 90 -33.39 -11.67 5.21
C ILE B 90 -33.62 -11.75 3.72
C ILE B 90 -33.62 -11.75 3.71
N VAL B 91 -33.44 -12.93 3.14
CA VAL B 91 -33.70 -13.14 1.73
C VAL B 91 -35.14 -12.83 1.37
N ASN B 92 -36.08 -13.26 2.20
CA ASN B 92 -37.48 -12.91 1.96
C ASN B 92 -37.71 -11.39 1.96
N MET B 93 -37.05 -10.68 2.88
CA MET B 93 -37.16 -9.22 2.93
C MET B 93 -36.54 -8.60 1.68
N ALA B 94 -35.40 -9.14 1.24
CA ALA B 94 -34.75 -8.64 0.03
C ALA B 94 -35.66 -8.75 -1.19
N ASN B 95 -36.39 -9.85 -1.28
CA ASN B 95 -37.27 -10.10 -2.42
C ASN B 95 -38.48 -9.17 -2.46
N GLU B 96 -38.84 -8.63 -1.30
CA GLU B 96 -39.96 -7.69 -1.22
C GLU B 96 -39.52 -6.31 -1.65
N ARG B 97 -38.21 -6.12 -1.77
CA ARG B 97 -37.64 -4.84 -2.12
C ARG B 97 -37.30 -4.77 -3.61
N VAL B 98 -37.41 -5.90 -4.29
CA VAL B 98 -37.20 -5.96 -5.74
C VAL B 98 -38.26 -6.84 -6.40
N SER B 99 -38.96 -6.30 -7.38
CA SER B 99 -39.93 -7.09 -8.13
C SER B 99 -39.76 -6.90 -9.62
N GLY B 100 -40.00 -7.97 -10.38
CA GLY B 100 -40.02 -7.92 -11.83
C GLY B 100 -38.68 -7.68 -12.52
N ASN B 101 -37.59 -7.83 -11.77
CA ASN B 101 -36.26 -7.64 -12.34
C ASN B 101 -35.55 -8.97 -12.48
N ASN B 102 -35.49 -9.50 -13.70
CA ASN B 102 -34.93 -10.83 -13.88
C ASN B 102 -33.41 -10.85 -13.84
N LYS B 103 -32.81 -9.70 -13.56
CA LYS B 103 -31.35 -9.63 -13.45
C LYS B 103 -30.90 -9.41 -12.02
N ILE B 104 -31.84 -9.50 -11.08
CA ILE B 104 -31.50 -9.53 -9.66
C ILE B 104 -32.12 -10.78 -9.04
N ILE B 105 -31.28 -11.67 -8.54
CA ILE B 105 -31.75 -12.91 -7.96
C ILE B 105 -31.16 -13.01 -6.57
N PHE B 106 -32.00 -13.26 -5.57
CA PHE B 106 -31.53 -13.52 -4.21
C PHE B 106 -31.85 -14.95 -3.83
N GLU B 107 -30.90 -15.61 -3.17
CA GLU B 107 -31.03 -17.02 -2.85
C GLU B 107 -30.58 -17.28 -1.42
N ALA B 108 -31.41 -18.00 -0.65
CA ALA B 108 -31.03 -18.40 0.70
C ALA B 108 -30.20 -19.67 0.65
N ASN B 109 -28.93 -19.55 1.04
CA ASN B 109 -28.05 -20.70 1.06
C ASN B 109 -26.79 -20.32 1.82
N ASP B 110 -26.11 -21.33 2.35
CA ASP B 110 -24.80 -21.14 2.95
C ASP B 110 -23.79 -21.06 1.80
N ILE B 111 -23.00 -19.99 1.74
CA ILE B 111 -22.05 -19.87 0.64
C ILE B 111 -21.03 -21.01 0.62
N LEU B 112 -20.74 -21.58 1.79
CA LEU B 112 -19.75 -22.64 1.91
C LEU B 112 -20.18 -23.95 1.24
N THR B 113 -21.47 -24.11 1.03
CA THR B 113 -21.97 -25.32 0.38
C THR B 113 -22.53 -25.08 -1.03
N LYS B 114 -22.61 -23.81 -1.42
N LYS B 114 -22.62 -23.81 -1.42
CA LYS B 114 -23.10 -23.45 -2.75
CA LYS B 114 -23.13 -23.45 -2.74
C LYS B 114 -22.12 -23.90 -3.81
C LYS B 114 -22.13 -23.87 -3.82
N GLU B 115 -22.65 -24.38 -4.93
CA GLU B 115 -21.80 -24.70 -6.08
C GLU B 115 -22.10 -23.76 -7.25
N PHE B 116 -21.05 -23.33 -7.93
CA PHE B 116 -21.18 -22.55 -9.14
C PHE B 116 -20.17 -23.11 -10.14
N PRO B 117 -20.39 -22.88 -11.44
CA PRO B 117 -19.40 -23.27 -12.45
C PRO B 117 -18.07 -22.53 -12.26
N GLU B 118 -16.98 -23.18 -12.60
CA GLU B 118 -15.68 -22.52 -12.67
C GLU B 118 -15.77 -21.42 -13.74
N ASN B 119 -15.06 -20.31 -13.52
CA ASN B 119 -14.95 -19.24 -14.52
C ASN B 119 -16.30 -18.64 -14.86
N ASN B 120 -17.09 -18.38 -13.83
CA ASN B 120 -18.47 -17.97 -14.00
C ASN B 120 -18.69 -16.45 -13.88
N PHE B 121 -18.02 -15.81 -12.93
CA PHE B 121 -18.35 -14.43 -12.57
C PHE B 121 -17.33 -13.38 -12.99
N ASP B 122 -17.81 -12.21 -13.41
CA ASP B 122 -16.94 -11.09 -13.66
C ASP B 122 -16.55 -10.36 -12.37
N LEU B 123 -17.45 -10.38 -11.40
CA LEU B 123 -17.16 -9.77 -10.11
C LEU B 123 -17.74 -10.64 -9.01
N ILE B 124 -16.95 -10.85 -7.97
CA ILE B 124 -17.43 -11.43 -6.74
C ILE B 124 -17.23 -10.36 -5.68
N TYR B 125 -18.31 -10.04 -4.98
CA TYR B 125 -18.42 -8.83 -4.17
C TYR B 125 -18.94 -9.26 -2.81
N SER B 126 -18.35 -8.75 -1.73
CA SER B 126 -18.84 -9.09 -0.39
C SER B 126 -18.60 -7.93 0.54
N ARG B 127 -19.63 -7.56 1.31
CA ARG B 127 -19.54 -6.43 2.22
C ARG B 127 -19.86 -6.85 3.64
N ASP B 128 -18.83 -6.90 4.48
CA ASP B 128 -18.97 -7.13 5.92
C ASP B 128 -19.80 -8.37 6.26
N ALA B 129 -19.48 -9.47 5.58
CA ALA B 129 -20.16 -10.74 5.77
C ALA B 129 -19.21 -11.85 6.21
N ILE B 130 -17.96 -11.79 5.74
CA ILE B 130 -17.05 -12.91 5.92
C ILE B 130 -16.50 -13.00 7.35
N LEU B 131 -16.70 -11.94 8.14
CA LEU B 131 -16.34 -11.99 9.56
C LEU B 131 -17.09 -13.11 10.30
N HIS B 132 -18.20 -13.58 9.73
CA HIS B 132 -18.99 -14.63 10.34
C HIS B 132 -18.34 -16.01 10.20
N LEU B 133 -17.38 -16.14 9.28
CA LEU B 133 -16.80 -17.43 8.98
C LEU B 133 -15.56 -17.70 9.81
N SER B 134 -15.35 -18.95 10.18
CA SER B 134 -14.14 -19.34 10.89
C SER B 134 -12.95 -19.15 9.96
N LEU B 135 -11.75 -19.06 10.54
CA LEU B 135 -10.57 -18.92 9.71
C LEU B 135 -10.44 -20.03 8.67
N GLU B 136 -10.69 -21.27 9.09
CA GLU B 136 -10.66 -22.41 8.16
C GLU B 136 -11.63 -22.19 7.00
N ASN B 137 -12.83 -21.69 7.32
CA ASN B 137 -13.82 -21.43 6.27
C ASN B 137 -13.58 -20.18 5.42
N LYS B 138 -12.88 -19.17 5.95
CA LYS B 138 -12.48 -18.02 5.13
C LYS B 138 -11.58 -18.54 4.00
N ASN B 139 -10.65 -19.42 4.35
N ASN B 139 -10.64 -19.39 4.36
CA ASN B 139 -9.70 -19.95 3.37
CA ASN B 139 -9.74 -19.97 3.36
C ASN B 139 -10.42 -20.82 2.33
C ASN B 139 -10.51 -20.75 2.31
N LYS B 140 -11.38 -21.61 2.78
CA LYS B 140 -12.14 -22.46 1.86
C LYS B 140 -12.98 -21.58 0.93
N LEU B 141 -13.60 -20.54 1.50
CA LEU B 141 -14.42 -19.66 0.68
C LEU B 141 -13.60 -19.00 -0.43
N PHE B 142 -12.43 -18.47 -0.09
CA PHE B 142 -11.64 -17.74 -1.07
C PHE B 142 -11.06 -18.69 -2.12
N GLN B 143 -10.86 -19.95 -1.78
CA GLN B 143 -10.53 -20.94 -2.79
C GLN B 143 -11.67 -21.13 -3.77
N LYS B 144 -12.89 -21.17 -3.25
N LYS B 144 -12.89 -21.15 -3.25
CA LYS B 144 -14.05 -21.29 -4.13
CA LYS B 144 -14.06 -21.29 -4.10
C LYS B 144 -14.16 -20.05 -5.01
C LYS B 144 -14.24 -20.06 -4.98
N CYS B 145 -13.99 -18.88 -4.41
CA CYS B 145 -14.09 -17.63 -5.16
C CYS B 145 -13.08 -17.59 -6.30
N TYR B 146 -11.87 -18.08 -6.06
CA TYR B 146 -10.89 -18.12 -7.12
C TYR B 146 -11.39 -18.96 -8.29
N LYS B 147 -11.89 -20.17 -7.99
CA LYS B 147 -12.47 -21.03 -9.01
C LYS B 147 -13.61 -20.36 -9.75
N TRP B 148 -14.52 -19.76 -9.01
CA TRP B 148 -15.74 -19.19 -9.61
C TRP B 148 -15.52 -17.95 -10.48
N LEU B 149 -14.42 -17.23 -10.24
N LEU B 149 -14.41 -17.24 -10.26
CA LEU B 149 -14.10 -16.07 -11.04
CA LEU B 149 -14.13 -16.00 -10.99
C LEU B 149 -13.76 -16.45 -12.47
C LEU B 149 -13.60 -16.28 -12.41
N LYS B 150 -14.15 -15.59 -13.41
CA LYS B 150 -13.64 -15.66 -14.77
C LYS B 150 -12.17 -15.28 -14.74
N PRO B 151 -11.41 -15.76 -15.73
CA PRO B 151 -9.99 -15.37 -15.79
C PRO B 151 -9.79 -13.85 -15.74
N THR B 152 -10.74 -13.10 -16.28
CA THR B 152 -10.65 -11.64 -16.34
C THR B 152 -11.36 -10.98 -15.18
N GLY B 153 -11.84 -11.78 -14.22
CA GLY B 153 -12.68 -11.26 -13.17
C GLY B 153 -11.98 -10.66 -11.97
N THR B 154 -12.77 -10.01 -11.13
CA THR B 154 -12.27 -9.23 -9.99
C THR B 154 -12.97 -9.68 -8.72
N LEU B 155 -12.22 -9.71 -7.63
CA LEU B 155 -12.73 -9.96 -6.30
C LEU B 155 -12.70 -8.63 -5.54
N LEU B 156 -13.79 -8.26 -4.88
CA LEU B 156 -13.88 -6.99 -4.17
C LEU B 156 -14.58 -7.23 -2.85
N ILE B 157 -13.88 -6.97 -1.75
CA ILE B 157 -14.39 -7.31 -0.41
C ILE B 157 -14.20 -6.14 0.53
N THR B 158 -15.17 -5.88 1.40
CA THR B 158 -14.85 -5.21 2.66
C THR B 158 -15.17 -6.17 3.77
N ASP B 159 -14.45 -6.05 4.89
CA ASP B 159 -14.74 -6.93 6.00
C ASP B 159 -14.20 -6.33 7.28
N TYR B 160 -14.77 -6.74 8.40
CA TYR B 160 -14.29 -6.31 9.70
C TYR B 160 -13.02 -7.07 10.00
N CYS B 161 -11.99 -6.34 10.44
CA CYS B 161 -10.71 -6.92 10.82
C CYS B 161 -10.34 -6.38 12.20
N ALA B 162 -9.14 -6.70 12.66
CA ALA B 162 -8.71 -6.29 14.00
C ALA B 162 -7.20 -6.26 14.09
N THR B 163 -6.72 -5.64 15.16
CA THR B 163 -5.32 -5.73 15.52
C THR B 163 -5.02 -7.16 15.95
N GLU B 164 -3.75 -7.50 16.16
CA GLU B 164 -3.40 -8.84 16.66
C GLU B 164 -4.10 -9.12 17.99
N LYS B 165 -4.46 -10.39 18.20
CA LYS B 165 -5.27 -10.78 19.34
C LYS B 165 -4.61 -10.42 20.67
N GLU B 166 -3.29 -10.42 20.70
CA GLU B 166 -2.56 -10.15 21.93
C GLU B 166 -2.87 -8.74 22.43
N ASN B 167 -3.37 -7.89 21.53
CA ASN B 167 -3.68 -6.51 21.88
C ASN B 167 -5.15 -6.24 22.24
N TRP B 168 -5.99 -7.27 22.21
CA TRP B 168 -7.42 -7.04 22.43
C TRP B 168 -7.73 -6.81 23.89
N ASP B 169 -8.62 -5.88 24.17
CA ASP B 169 -8.99 -5.67 25.56
C ASP B 169 -10.27 -6.44 25.92
N ASP B 170 -10.66 -6.38 27.19
CA ASP B 170 -11.75 -7.21 27.67
C ASP B 170 -13.04 -6.96 26.91
N GLU B 171 -13.37 -5.68 26.71
CA GLU B 171 -14.63 -5.32 26.05
C GLU B 171 -14.65 -5.82 24.61
N PHE B 172 -13.53 -5.70 23.93
CA PHE B 172 -13.46 -6.15 22.54
C PHE B 172 -13.52 -7.68 22.46
N LYS B 173 -12.82 -8.36 23.36
CA LYS B 173 -12.89 -9.83 23.43
C LYS B 173 -14.34 -10.28 23.60
N GLU B 174 -15.08 -9.59 24.46
CA GLU B 174 -16.47 -9.96 24.74
C GLU B 174 -17.36 -9.73 23.52
N TYR B 175 -17.17 -8.60 22.85
CA TYR B 175 -17.89 -8.28 21.62
C TYR B 175 -17.75 -9.38 20.59
N VAL B 176 -16.51 -9.74 20.29
N VAL B 176 -16.51 -9.76 20.29
CA VAL B 176 -16.23 -10.75 19.29
CA VAL B 176 -16.28 -10.76 19.25
C VAL B 176 -16.81 -12.09 19.69
C VAL B 176 -16.78 -12.14 19.67
N LYS B 177 -16.65 -12.46 20.96
CA LYS B 177 -17.16 -13.73 21.47
C LYS B 177 -18.68 -13.84 21.38
N GLN B 178 -19.39 -12.80 21.78
CA GLN B 178 -20.85 -12.82 21.79
C GLN B 178 -21.42 -12.95 20.39
N ARG B 179 -20.80 -12.27 19.43
CA ARG B 179 -21.27 -12.28 18.05
C ARG B 179 -20.75 -13.48 17.27
N LYS B 180 -19.81 -14.22 17.87
CA LYS B 180 -19.13 -15.34 17.21
C LYS B 180 -18.42 -14.93 15.93
N TYR B 181 -17.83 -13.74 15.94
CA TYR B 181 -17.01 -13.28 14.83
C TYR B 181 -15.64 -13.92 14.87
N THR B 182 -15.04 -14.07 13.70
CA THR B 182 -13.64 -14.39 13.60
C THR B 182 -12.92 -13.23 12.90
N LEU B 183 -12.19 -12.44 13.69
CA LEU B 183 -11.57 -11.23 13.16
C LEU B 183 -10.07 -11.40 13.11
N ILE B 184 -9.51 -11.20 11.92
CA ILE B 184 -8.07 -11.34 11.70
C ILE B 184 -7.52 -9.99 11.28
N THR B 185 -6.20 -9.89 11.16
CA THR B 185 -5.61 -8.62 10.75
C THR B 185 -5.79 -8.40 9.26
N VAL B 186 -5.74 -7.13 8.85
CA VAL B 186 -5.81 -6.80 7.43
C VAL B 186 -4.72 -7.56 6.67
N GLU B 187 -3.55 -7.66 7.29
CA GLU B 187 -2.39 -8.28 6.66
C GLU B 187 -2.57 -9.79 6.51
N GLU B 188 -3.14 -10.44 7.53
CA GLU B 188 -3.42 -11.88 7.45
C GLU B 188 -4.46 -12.16 6.36
N TYR B 189 -5.43 -11.27 6.25
CA TYR B 189 -6.46 -11.38 5.23
C TYR B 189 -5.85 -11.30 3.82
N ALA B 190 -4.97 -10.33 3.62
CA ALA B 190 -4.29 -10.18 2.34
C ALA B 190 -3.48 -11.43 2.02
N ASP B 191 -2.84 -12.00 3.04
CA ASP B 191 -2.05 -13.21 2.88
C ASP B 191 -2.89 -14.40 2.44
N ILE B 192 -4.12 -14.50 2.95
CA ILE B 192 -5.01 -15.57 2.51
C ILE B 192 -5.28 -15.43 1.03
N LEU B 193 -5.60 -14.23 0.59
CA LEU B 193 -5.89 -14.03 -0.83
C LEU B 193 -4.71 -14.42 -1.70
N THR B 194 -3.50 -14.04 -1.29
CA THR B 194 -2.31 -14.42 -2.03
C THR B 194 -2.12 -15.95 -2.03
N ALA B 195 -2.38 -16.59 -0.90
CA ALA B 195 -2.26 -18.05 -0.79
C ALA B 195 -3.25 -18.78 -1.68
N CYS B 196 -4.38 -18.11 -1.98
CA CYS B 196 -5.41 -18.68 -2.86
C CYS B 196 -5.13 -18.37 -4.33
N ASN B 197 -3.98 -17.82 -4.63
CA ASN B 197 -3.53 -17.54 -5.97
C ASN B 197 -4.08 -16.27 -6.64
N PHE B 198 -4.69 -15.43 -5.85
CA PHE B 198 -5.15 -14.14 -6.40
C PHE B 198 -3.96 -13.25 -6.75
N LYS B 199 -4.10 -12.48 -7.83
CA LYS B 199 -3.04 -11.61 -8.31
C LYS B 199 -3.41 -10.16 -8.01
N ASN B 200 -2.41 -9.28 -8.05
CA ASN B 200 -2.64 -7.85 -7.88
C ASN B 200 -3.46 -7.56 -6.62
N VAL B 201 -3.09 -8.21 -5.52
CA VAL B 201 -3.82 -8.03 -4.28
C VAL B 201 -3.59 -6.63 -3.72
N VAL B 202 -4.69 -5.90 -3.53
CA VAL B 202 -4.61 -4.57 -2.96
C VAL B 202 -5.42 -4.65 -1.67
N SER B 203 -4.80 -4.38 -0.53
N SER B 203 -4.79 -4.35 -0.55
CA SER B 203 -5.55 -4.26 0.72
CA SER B 203 -5.52 -4.24 0.69
C SER B 203 -5.41 -2.86 1.28
C SER B 203 -5.43 -2.81 1.19
N LYS B 204 -6.52 -2.31 1.78
CA LYS B 204 -6.50 -0.98 2.35
C LYS B 204 -7.08 -1.05 3.75
N ASP B 205 -6.34 -0.54 4.73
CA ASP B 205 -6.92 -0.30 6.04
C ASP B 205 -7.73 0.97 5.94
N LEU B 206 -9.06 0.83 5.92
CA LEU B 206 -9.97 1.96 5.78
C LEU B 206 -10.58 2.35 7.11
N SER B 207 -9.88 2.08 8.20
CA SER B 207 -10.41 2.39 9.53
C SER B 207 -10.74 3.87 9.75
N ASP B 208 -9.94 4.77 9.18
CA ASP B 208 -10.21 6.21 9.30
C ASP B 208 -11.50 6.60 8.59
N TYR B 209 -11.69 6.11 7.36
CA TYR B 209 -12.92 6.34 6.63
C TYR B 209 -14.09 5.71 7.37
N TRP B 210 -13.88 4.49 7.88
CA TRP B 210 -14.92 3.80 8.64
C TRP B 210 -15.32 4.64 9.85
N ASN B 211 -14.35 5.26 10.51
CA ASN B 211 -14.64 6.11 11.64
C ASN B 211 -15.53 7.28 11.22
N GLN B 212 -15.25 7.87 10.06
CA GLN B 212 -16.09 8.95 9.55
C GLN B 212 -17.51 8.49 9.33
N LEU B 213 -17.66 7.30 8.74
CA LEU B 213 -18.98 6.75 8.47
C LEU B 213 -19.73 6.50 9.76
N LEU B 214 -19.04 5.93 10.74
CA LEU B 214 -19.64 5.67 12.05
C LEU B 214 -20.11 6.95 12.73
N GLU B 215 -19.34 8.02 12.61
CA GLU B 215 -19.72 9.29 13.23
C GLU B 215 -20.98 9.87 12.60
N VAL B 216 -21.08 9.80 11.27
CA VAL B 216 -22.26 10.32 10.59
C VAL B 216 -23.48 9.49 10.97
N GLU B 217 -23.29 8.17 11.07
CA GLU B 217 -24.38 7.29 11.51
C GLU B 217 -24.81 7.56 12.96
N HIS B 218 -23.83 7.76 13.83
CA HIS B 218 -24.09 8.02 15.24
C HIS B 218 -24.89 9.32 15.38
N LYS B 219 -24.48 10.33 14.63
CA LYS B 219 -25.16 11.63 14.60
C LYS B 219 -26.61 11.46 14.12
N TYR B 220 -26.79 10.70 13.04
CA TYR B 220 -28.12 10.43 12.51
C TYR B 220 -29.01 9.76 13.56
N LEU B 221 -28.47 8.76 14.25
CA LEU B 221 -29.22 8.06 15.29
C LEU B 221 -29.69 9.04 16.36
N HIS B 222 -28.79 9.91 16.81
CA HIS B 222 -29.13 10.82 17.88
C HIS B 222 -30.18 11.84 17.45
N GLU B 223 -30.06 12.30 16.21
CA GLU B 223 -30.94 13.34 15.70
C GLU B 223 -32.33 12.78 15.33
N ASN B 224 -32.41 11.45 15.20
CA ASN B 224 -33.65 10.82 14.82
C ASN B 224 -34.16 9.85 15.88
N LYS B 225 -33.78 10.12 17.12
CA LYS B 225 -34.12 9.26 18.24
C LYS B 225 -35.62 9.08 18.41
N GLU B 226 -36.38 10.16 18.27
CA GLU B 226 -37.82 10.07 18.47
C GLU B 226 -38.46 9.12 17.46
N GLU B 227 -38.06 9.23 16.19
CA GLU B 227 -38.55 8.33 15.16
C GLU B 227 -38.16 6.89 15.48
N PHE B 228 -36.93 6.70 15.95
CA PHE B 228 -36.46 5.37 16.30
C PHE B 228 -37.31 4.76 17.40
N LEU B 229 -37.63 5.56 18.42
CA LEU B 229 -38.40 5.06 19.54
C LEU B 229 -39.81 4.64 19.12
N LYS B 230 -40.37 5.35 18.13
CA LYS B 230 -41.70 5.05 17.62
C LYS B 230 -41.71 3.69 16.93
N LEU B 231 -40.63 3.39 16.24
CA LEU B 231 -40.50 2.13 15.50
C LEU B 231 -40.09 0.96 16.38
N PHE B 232 -39.25 1.24 17.37
CA PHE B 232 -38.57 0.18 18.10
C PHE B 232 -38.77 0.38 19.58
N SER B 233 -37.71 0.55 20.36
CA SER B 233 -37.79 0.71 21.81
C SER B 233 -36.57 1.44 22.34
N GLU B 234 -36.67 1.93 23.57
CA GLU B 234 -35.55 2.61 24.20
C GLU B 234 -34.40 1.63 24.42
N LYS B 235 -34.74 0.41 24.85
CA LYS B 235 -33.74 -0.64 25.06
C LYS B 235 -32.91 -0.89 23.80
N LYS B 236 -33.58 -1.04 22.66
CA LYS B 236 -32.88 -1.25 21.39
C LYS B 236 -32.05 -0.01 21.02
N PHE B 237 -32.56 1.17 21.32
CA PHE B 237 -31.84 2.39 21.04
C PHE B 237 -30.51 2.43 21.82
N ILE B 238 -30.59 2.13 23.10
CA ILE B 238 -29.41 2.16 23.96
C ILE B 238 -28.34 1.18 23.49
N SER B 239 -28.77 -0.03 23.12
N SER B 239 -28.76 -0.04 23.11
CA SER B 239 -27.83 -1.04 22.63
CA SER B 239 -27.80 -1.03 22.65
C SER B 239 -27.15 -0.56 21.36
C SER B 239 -27.14 -0.59 21.35
N LEU B 240 -27.92 0.01 20.46
CA LEU B 240 -27.38 0.50 19.20
C LEU B 240 -26.42 1.66 19.43
N ASP B 241 -26.84 2.61 20.26
CA ASP B 241 -26.04 3.77 20.62
C ASP B 241 -24.69 3.35 21.20
N ASP B 242 -24.74 2.48 22.20
CA ASP B 242 -23.53 2.00 22.87
C ASP B 242 -22.64 1.21 21.92
N GLY B 243 -23.26 0.45 21.03
CA GLY B 243 -22.51 -0.32 20.05
C GLY B 243 -21.70 0.56 19.11
N TRP B 244 -22.31 1.66 18.66
CA TRP B 244 -21.60 2.58 17.76
C TRP B 244 -20.52 3.33 18.53
N SER B 245 -20.82 3.70 19.77
CA SER B 245 -19.81 4.32 20.63
C SER B 245 -18.55 3.46 20.71
N ARG B 246 -18.73 2.15 20.87
CA ARG B 246 -17.56 1.29 21.00
C ARG B 246 -16.79 1.15 19.68
N LYS B 247 -17.51 1.02 18.58
CA LYS B 247 -16.86 0.94 17.27
C LYS B 247 -16.06 2.20 16.99
N ILE B 248 -16.62 3.36 17.38
CA ILE B 248 -15.93 4.62 17.17
C ILE B 248 -14.64 4.66 17.99
N LYS B 249 -14.74 4.27 19.25
CA LYS B 249 -13.59 4.23 20.14
C LYS B 249 -12.54 3.26 19.64
N ASP B 250 -12.98 2.06 19.26
CA ASP B 250 -12.03 1.02 18.91
C ASP B 250 -11.41 1.18 17.52
N SER B 251 -12.14 1.80 16.60
CA SER B 251 -11.57 2.13 15.29
C SER B 251 -10.58 3.27 15.40
N LYS B 252 -10.87 4.23 16.28
CA LYS B 252 -9.97 5.36 16.42
C LYS B 252 -8.59 4.89 16.93
N ARG B 253 -8.57 3.86 17.76
CA ARG B 253 -7.30 3.33 18.25
C ARG B 253 -6.82 2.09 17.50
N LYS B 254 -7.46 1.80 16.38
CA LYS B 254 -7.05 0.72 15.49
C LYS B 254 -7.10 -0.67 16.13
N MET B 255 -7.94 -0.84 17.13
CA MET B 255 -8.16 -2.19 17.68
C MET B 255 -9.13 -2.96 16.80
N GLN B 256 -10.22 -2.30 16.43
CA GLN B 256 -11.10 -2.80 15.38
C GLN B 256 -10.80 -2.03 14.10
N ARG B 257 -10.66 -2.77 13.01
CA ARG B 257 -10.24 -2.18 11.74
C ARG B 257 -11.25 -2.53 10.65
N TRP B 258 -11.33 -1.69 9.63
CA TRP B 258 -12.16 -1.97 8.47
C TRP B 258 -11.26 -2.21 7.27
N GLY B 259 -11.34 -3.40 6.69
CA GLY B 259 -10.46 -3.76 5.60
C GLY B 259 -11.16 -3.76 4.26
N TYR B 260 -10.46 -3.28 3.24
CA TYR B 260 -10.89 -3.34 1.85
C TYR B 260 -9.89 -4.19 1.08
N PHE B 261 -10.38 -5.08 0.22
CA PHE B 261 -9.51 -5.97 -0.55
C PHE B 261 -10.00 -6.05 -1.98
N LYS B 262 -9.08 -5.90 -2.92
CA LYS B 262 -9.39 -6.06 -4.33
C LYS B 262 -8.30 -6.92 -4.94
N ALA B 263 -8.70 -7.87 -5.77
CA ALA B 263 -7.73 -8.75 -6.40
C ALA B 263 -8.28 -9.25 -7.71
N THR B 264 -7.42 -9.85 -8.53
CA THR B 264 -7.86 -10.43 -9.79
C THR B 264 -7.45 -11.89 -9.88
N LYS B 265 -8.05 -12.62 -10.81
CA LYS B 265 -7.70 -14.01 -10.95
C LYS B 265 -6.40 -14.15 -11.75
N ASN B 266 -6.20 -13.23 -12.68
CA ASN B 266 -4.99 -13.23 -13.51
C ASN B 266 -4.35 -11.84 -13.58
N SAM C . 24.08 7.80 -4.21
CA SAM C . 24.52 7.10 -3.01
C SAM C . 24.86 5.67 -3.36
O SAM C . 24.35 5.16 -4.36
OXT SAM C . 25.62 4.99 -2.68
CB SAM C . 23.33 7.03 -2.07
CG SAM C . 23.56 7.55 -0.67
SD SAM C . 22.16 7.05 0.36
CE SAM C . 21.22 5.98 -0.77
C5' SAM C . 21.18 8.56 0.41
C4' SAM C . 22.05 9.82 0.55
O4' SAM C . 21.26 10.98 0.35
C3' SAM C . 22.65 9.94 1.95
O3' SAM C . 24.06 9.86 1.88
C2' SAM C . 22.18 11.30 2.46
O2' SAM C . 23.17 12.01 3.18
C1' SAM C . 21.77 12.01 1.18
N9 SAM C . 20.81 13.13 1.39
C8 SAM C . 19.61 13.10 2.04
N7 SAM C . 19.05 14.33 2.00
C5 SAM C . 19.88 15.16 1.33
C6 SAM C . 19.81 16.50 1.00
N6 SAM C . 18.77 17.25 1.38
N1 SAM C . 20.84 17.08 0.30
C2 SAM C . 21.92 16.32 -0.09
N3 SAM C . 22.00 14.99 0.24
C4 SAM C . 20.99 14.41 0.93
P PO4 D . 17.23 1.45 2.85
O1 PO4 D . 17.70 2.69 2.12
O2 PO4 D . 17.09 0.30 1.88
O3 PO4 D . 18.31 1.11 3.86
O4 PO4 D . 15.94 1.67 3.63
N SAM E . -23.71 -7.24 2.38
CA SAM E . -24.79 -6.78 3.24
C SAM E . -24.91 -5.27 3.18
O SAM E . -23.92 -4.60 2.86
OXT SAM E . -25.95 -4.68 3.46
CB SAM E . -24.40 -7.08 4.67
CG SAM E . -25.26 -8.12 5.36
SD SAM E . -24.67 -8.27 7.06
CE SAM E . -23.30 -7.07 7.08
C5' SAM E . -23.80 -9.87 6.97
C4' SAM E . -24.57 -10.88 6.13
O4' SAM E . -23.80 -12.06 5.89
C3' SAM E . -25.86 -11.31 6.79
O3' SAM E . -26.96 -10.93 5.98
C2' SAM E . -25.73 -12.83 6.91
O2' SAM E . -26.95 -13.49 6.70
C1' SAM E . -24.68 -13.17 5.85
N9 SAM E . -23.97 -14.45 6.07
C8 SAM E . -23.30 -14.84 7.21
N7 SAM E . -22.79 -16.07 7.02
C5 SAM E . -23.09 -16.49 5.76
C6 SAM E . -22.79 -17.67 5.05
N6 SAM E . -22.09 -18.69 5.58
N1 SAM E . -23.27 -17.79 3.76
C2 SAM E . -23.98 -16.76 3.20
N3 SAM E . -24.27 -15.60 3.89
C4 SAM E . -23.81 -15.47 5.16
P PO4 F . -21.81 -4.89 13.51
O1 PO4 F . -21.76 -5.79 12.28
O2 PO4 F . -21.17 -3.55 13.20
O3 PO4 F . -23.28 -4.65 13.80
O4 PO4 F . -21.15 -5.53 14.70
#